data_3ZOU
#
_entry.id   3ZOU
#
_cell.length_a   85.040
_cell.length_b   98.640
_cell.length_c   130.460
_cell.angle_alpha   90.00
_cell.angle_beta   90.00
_cell.angle_gamma   90.00
#
_symmetry.space_group_name_H-M   'C 2 2 21'
#
loop_
_entity.id
_entity.type
_entity.pdbx_description
1 polymer 'FARNESYL PYROPHOSPHATE SYNTHASE'
2 non-polymer 'MAGNESIUM ION'
3 non-polymer 'GERANYL DIPHOSPHATE'
4 non-polymer '3-(2-oxo-1,3-benzoxazol-3(2H)-yl)propanoic acid'
5 non-polymer GLYCEROL
6 non-polymer 'DIMETHYL SULFOXIDE'
7 water water
#
_entity_poly.entity_id   1
_entity_poly.type   'polypeptide(L)'
_entity_poly.pdbx_seq_one_letter_code
;SMIAAYQARCQARVDAALDALFVAPREELQRLYEAMRYSVMNGGKRVRPLLAYAACEALGGAPQRADAAACAVELIHAYS
LVHDDLPAMDDDDLRRGQPTTHRAFDEATAILAADGLQALAFEVLADTRRNPQEHAVCLEMLTRLARAAGSAGMVGGQAI
DLGSVGVALDQAALEVMHRHKTGALIEASVRLGALASGRAEPASLAALERYAEAIGLAFQVQDDILDVESDTATLGKTQG
KDQAHNKPTYPALLGLEAAKGYALELRDLALAALDGFPPSADPLRQLARYIVERRN
;
_entity_poly.pdbx_strand_id   A,B
#
loop_
_chem_comp.id
_chem_comp.type
_chem_comp.name
_chem_comp.formula
6H6 non-polymer '3-(2-oxo-1,3-benzoxazol-3(2H)-yl)propanoic acid' 'C10 H9 N O4'
DMS non-polymer 'DIMETHYL SULFOXIDE' 'C2 H6 O S'
GOL non-polymer GLYCEROL 'C3 H8 O3'
GPP non-polymer 'GERANYL DIPHOSPHATE' 'C10 H20 O7 P2'
MG non-polymer 'MAGNESIUM ION' 'Mg 2'
#
# COMPACT_ATOMS: atom_id res chain seq x y z
N SER A 1 24.39 -13.90 26.13
CA SER A 1 23.16 -13.21 25.60
C SER A 1 22.16 -14.25 24.98
N MET A 2 20.87 -14.06 25.28
N MET A 2 20.87 -14.06 25.25
CA MET A 2 19.74 -14.86 24.75
CA MET A 2 19.79 -14.87 24.68
C MET A 2 19.08 -14.16 23.56
C MET A 2 19.08 -14.17 23.54
N ILE A 3 19.81 -13.33 22.82
CA ILE A 3 19.17 -12.63 21.68
C ILE A 3 18.75 -13.66 20.61
N ALA A 4 19.56 -14.73 20.42
CA ALA A 4 19.24 -15.74 19.46
C ALA A 4 17.91 -16.41 19.82
N ALA A 5 17.69 -16.74 21.09
CA ALA A 5 16.44 -17.31 21.59
C ALA A 5 15.27 -16.33 21.44
N TYR A 6 15.54 -15.05 21.66
CA TYR A 6 14.49 -14.06 21.56
C TYR A 6 14.11 -13.95 20.07
N GLN A 7 15.12 -13.91 19.22
CA GLN A 7 14.89 -13.84 17.76
C GLN A 7 14.09 -15.06 17.25
N ALA A 8 14.46 -16.24 17.73
CA ALA A 8 13.71 -17.45 17.33
C ALA A 8 12.26 -17.43 17.78
N ARG A 9 11.98 -16.95 18.99
CA ARG A 9 10.62 -16.84 19.51
C ARG A 9 9.78 -15.83 18.70
N CYS A 10 10.38 -14.68 18.39
CA CYS A 10 9.64 -13.70 17.60
C CYS A 10 9.39 -14.24 16.20
N GLN A 11 10.39 -14.91 15.62
CA GLN A 11 10.27 -15.48 14.27
C GLN A 11 9.11 -16.50 14.25
N ALA A 12 9.08 -17.41 15.21
CA ALA A 12 8.04 -18.41 15.20
C ALA A 12 6.66 -17.78 15.32
N ARG A 13 6.52 -16.80 16.19
CA ARG A 13 5.24 -16.17 16.46
C ARG A 13 4.72 -15.42 15.22
N VAL A 14 5.58 -14.59 14.66
CA VAL A 14 5.16 -13.84 13.48
C VAL A 14 4.96 -14.74 12.28
N ASP A 15 5.76 -15.78 12.13
CA ASP A 15 5.59 -16.69 11.04
C ASP A 15 4.23 -17.36 11.11
N ALA A 16 3.80 -17.76 12.28
CA ALA A 16 2.44 -18.34 12.40
C ALA A 16 1.36 -17.39 12.02
N ALA A 17 1.48 -16.12 12.46
CA ALA A 17 0.48 -15.10 12.16
C ALA A 17 0.48 -14.79 10.64
N LEU A 18 1.68 -14.61 10.06
CA LEU A 18 1.78 -14.37 8.61
C LEU A 18 1.25 -15.50 7.75
N ASP A 19 1.60 -16.76 8.10
CA ASP A 19 1.22 -17.86 7.26
C ASP A 19 -0.30 -17.94 7.12
N ALA A 20 -1.00 -17.59 8.18
CA ALA A 20 -2.49 -17.55 8.17
C ALA A 20 -3.19 -16.50 7.27
N LEU A 21 -2.41 -15.56 6.78
CA LEU A 21 -2.90 -14.53 5.90
C LEU A 21 -2.89 -14.94 4.44
N PHE A 22 -2.28 -16.06 4.10
CA PHE A 22 -2.06 -16.39 2.65
C PHE A 22 -3.02 -17.41 2.12
N VAL A 23 -4.28 -17.36 2.58
CA VAL A 23 -5.28 -18.32 2.10
C VAL A 23 -6.14 -17.58 1.10
N ALA A 24 -6.12 -18.05 -0.14
CA ALA A 24 -6.87 -17.44 -1.20
C ALA A 24 -8.34 -17.57 -0.92
N PRO A 25 -9.10 -16.49 -1.11
CA PRO A 25 -10.55 -16.60 -0.84
C PRO A 25 -11.33 -17.38 -1.88
N ARG A 26 -10.72 -17.63 -3.03
CA ARG A 26 -11.33 -18.47 -4.06
C ARG A 26 -10.27 -19.07 -4.95
N GLU A 27 -10.66 -20.12 -5.66
CA GLU A 27 -9.71 -20.89 -6.43
C GLU A 27 -8.94 -20.12 -7.52
N GLU A 28 -9.56 -19.14 -8.17
CA GLU A 28 -8.88 -18.37 -9.21
C GLU A 28 -7.67 -17.57 -8.73
N LEU A 29 -7.65 -17.39 -7.42
CA LEU A 29 -6.59 -16.56 -6.77
C LEU A 29 -5.54 -17.39 -6.12
N GLN A 30 -5.58 -18.73 -6.28
CA GLN A 30 -4.64 -19.58 -5.61
C GLN A 30 -3.20 -19.28 -5.95
N ARG A 31 -2.91 -19.06 -7.23
CA ARG A 31 -1.48 -18.89 -7.60
C ARG A 31 -0.95 -17.56 -7.06
N LEU A 32 -1.75 -16.52 -7.11
CA LEU A 32 -1.33 -15.24 -6.53
C LEU A 32 -1.00 -15.33 -5.08
N TYR A 33 -1.87 -16.03 -4.34
CA TYR A 33 -1.64 -16.22 -2.91
C TYR A 33 -0.42 -17.11 -2.69
N GLU A 34 -0.21 -18.10 -3.54
CA GLU A 34 1.04 -18.85 -3.45
C GLU A 34 2.28 -18.01 -3.65
N ALA A 35 2.22 -17.10 -4.62
CA ALA A 35 3.37 -16.18 -4.85
C ALA A 35 3.57 -15.24 -3.66
N MET A 36 2.47 -14.79 -3.07
CA MET A 36 2.58 -13.99 -1.83
C MET A 36 3.24 -14.77 -0.74
N ARG A 37 2.76 -15.99 -0.50
CA ARG A 37 3.31 -16.85 0.55
C ARG A 37 4.80 -17.09 0.32
N TYR A 38 5.14 -17.40 -0.95
CA TYR A 38 6.54 -17.71 -1.33
C TYR A 38 7.44 -16.51 -1.04
N SER A 39 6.90 -15.31 -1.25
CA SER A 39 7.63 -14.08 -1.06
C SER A 39 7.84 -13.69 0.40
N VAL A 40 7.04 -14.26 1.30
CA VAL A 40 7.14 -13.89 2.72
C VAL A 40 7.72 -15.05 3.57
N MET A 41 7.34 -16.27 3.21
CA MET A 41 7.67 -17.44 4.09
C MET A 41 8.95 -18.03 3.53
N ASN A 42 10.04 -17.31 3.65
CA ASN A 42 11.32 -17.67 3.06
C ASN A 42 12.42 -17.82 4.07
N GLY A 43 12.04 -18.09 5.31
CA GLY A 43 13.03 -18.30 6.38
C GLY A 43 13.75 -17.06 6.85
N GLY A 44 13.22 -15.91 6.49
CA GLY A 44 13.73 -14.65 6.99
C GLY A 44 13.85 -14.58 8.48
N LYS A 45 14.76 -13.73 8.92
CA LYS A 45 15.08 -13.61 10.32
C LYS A 45 14.11 -12.72 11.13
N ARG A 46 13.26 -11.99 10.44
CA ARG A 46 12.18 -11.28 11.10
C ARG A 46 12.66 -10.23 12.13
N VAL A 47 13.74 -9.52 11.79
CA VAL A 47 14.25 -8.44 12.61
C VAL A 47 13.20 -7.36 12.90
N ARG A 48 12.40 -6.99 11.90
CA ARG A 48 11.42 -5.96 12.10
C ARG A 48 10.25 -6.36 13.00
N PRO A 49 9.80 -7.62 12.91
CA PRO A 49 8.93 -8.17 13.96
C PRO A 49 9.58 -8.16 15.38
N LEU A 50 10.83 -8.60 15.42
CA LEU A 50 11.61 -8.65 16.70
C LEU A 50 11.52 -7.27 17.35
N LEU A 51 11.79 -6.24 16.54
CA LEU A 51 11.80 -4.89 17.01
C LEU A 51 10.44 -4.48 17.55
N ALA A 52 9.36 -4.79 16.80
CA ALA A 52 7.99 -4.45 17.26
C ALA A 52 7.69 -5.14 18.60
N TYR A 53 7.95 -6.41 18.68
CA TYR A 53 7.69 -7.13 19.97
C TYR A 53 8.55 -6.52 21.06
N ALA A 54 9.82 -6.25 20.75
CA ALA A 54 10.76 -5.85 21.82
C ALA A 54 10.39 -4.45 22.26
N ALA A 55 10.00 -3.53 21.34
CA ALA A 55 9.60 -2.22 21.75
C ALA A 55 8.31 -2.27 22.62
N CYS A 56 7.37 -3.11 22.24
CA CYS A 56 6.15 -3.27 22.97
C CYS A 56 6.54 -3.74 24.41
N GLU A 57 7.40 -4.74 24.54
CA GLU A 57 7.86 -5.23 25.89
C GLU A 57 8.64 -4.19 26.66
N ALA A 58 9.41 -3.38 25.96
CA ALA A 58 10.23 -2.35 26.58
C ALA A 58 9.37 -1.40 27.36
N LEU A 59 8.12 -1.19 26.90
CA LEU A 59 7.19 -0.24 27.56
C LEU A 59 6.21 -0.98 28.43
N GLY A 60 6.49 -2.26 28.69
CA GLY A 60 5.64 -3.12 29.57
C GLY A 60 4.43 -3.77 28.95
N GLY A 61 4.27 -3.73 27.62
CA GLY A 61 3.15 -4.40 26.99
C GLY A 61 3.37 -5.86 26.78
N ALA A 62 2.32 -6.67 26.91
CA ALA A 62 2.43 -8.07 26.57
C ALA A 62 2.72 -8.16 25.04
N PRO A 63 3.69 -8.98 24.62
CA PRO A 63 4.09 -9.01 23.18
C PRO A 63 3.00 -9.33 22.19
N GLN A 64 2.03 -10.16 22.56
CA GLN A 64 0.94 -10.45 21.67
CA GLN A 64 0.83 -10.42 21.77
C GLN A 64 0.16 -9.19 21.17
N ARG A 65 0.18 -8.08 21.93
CA ARG A 65 -0.45 -6.86 21.57
C ARG A 65 0.16 -6.35 20.24
N ALA A 66 1.41 -6.71 20.01
CA ALA A 66 2.14 -6.20 18.80
C ALA A 66 2.06 -7.14 17.62
N ASP A 67 1.24 -8.19 17.72
CA ASP A 67 1.20 -9.16 16.57
C ASP A 67 0.87 -8.48 15.24
N ALA A 68 -0.12 -7.64 15.20
CA ALA A 68 -0.49 -7.00 13.91
C ALA A 68 0.62 -6.08 13.42
N ALA A 69 1.21 -5.32 14.34
CA ALA A 69 2.38 -4.50 14.04
C ALA A 69 3.52 -5.29 13.43
N ALA A 70 3.86 -6.45 14.01
CA ALA A 70 4.90 -7.33 13.57
C ALA A 70 4.58 -7.81 12.15
N CYS A 71 3.34 -8.22 11.93
CA CYS A 71 2.97 -8.68 10.60
C CYS A 71 3.05 -7.58 9.53
N ALA A 72 2.57 -6.43 9.91
CA ALA A 72 2.53 -5.29 8.94
C ALA A 72 3.92 -4.91 8.54
N VAL A 73 4.86 -4.77 9.49
CA VAL A 73 6.18 -4.34 9.07
C VAL A 73 6.88 -5.40 8.26
N GLU A 74 6.63 -6.69 8.53
CA GLU A 74 7.23 -7.73 7.77
C GLU A 74 6.66 -7.78 6.35
N LEU A 75 5.36 -7.50 6.25
CA LEU A 75 4.72 -7.48 4.94
C LEU A 75 5.31 -6.38 4.09
N ILE A 76 5.49 -5.18 4.68
CA ILE A 76 6.09 -4.11 3.90
C ILE A 76 7.52 -4.56 3.46
N HIS A 77 8.31 -5.00 4.40
CA HIS A 77 9.64 -5.45 4.12
C HIS A 77 9.69 -6.50 2.96
N ALA A 78 8.84 -7.49 3.05
CA ALA A 78 8.78 -8.57 2.05
C ALA A 78 8.41 -8.01 0.69
N TYR A 79 7.41 -7.10 0.65
CA TYR A 79 6.97 -6.58 -0.68
C TYR A 79 8.16 -5.79 -1.26
N SER A 80 8.90 -5.05 -0.43
CA SER A 80 10.00 -4.22 -0.95
C SER A 80 11.10 -5.04 -1.53
N LEU A 81 11.35 -6.24 -1.00
CA LEU A 81 12.44 -7.11 -1.52
C LEU A 81 12.03 -7.70 -2.87
N VAL A 82 10.75 -8.07 -3.03
CA VAL A 82 10.27 -8.60 -4.30
C VAL A 82 10.50 -7.56 -5.38
N HIS A 83 10.08 -6.32 -5.13
CA HIS A 83 10.27 -5.29 -6.17
C HIS A 83 11.75 -5.01 -6.40
N ASP A 84 12.55 -4.96 -5.33
CA ASP A 84 14.00 -4.69 -5.42
C ASP A 84 14.66 -5.78 -6.33
N ASP A 85 14.18 -7.00 -6.30
CA ASP A 85 14.82 -8.09 -7.02
C ASP A 85 14.50 -8.04 -8.52
N LEU A 86 13.46 -7.29 -8.90
CA LEU A 86 13.01 -7.30 -10.30
C LEU A 86 14.09 -6.88 -11.30
N PRO A 87 13.96 -7.38 -12.56
CA PRO A 87 14.93 -7.01 -13.55
C PRO A 87 15.18 -5.52 -13.70
N ALA A 88 14.16 -4.68 -13.52
CA ALA A 88 14.33 -3.24 -13.68
C ALA A 88 15.07 -2.57 -12.56
N MET A 89 15.21 -3.30 -11.43
CA MET A 89 15.86 -2.82 -10.24
C MET A 89 17.15 -3.60 -10.10
N ASP A 90 17.25 -4.53 -9.14
CA ASP A 90 18.57 -5.23 -8.97
C ASP A 90 18.76 -6.46 -9.87
N ASP A 91 17.69 -6.94 -10.49
CA ASP A 91 17.74 -8.09 -11.41
C ASP A 91 18.43 -9.28 -10.78
N ASP A 92 17.93 -9.70 -9.62
CA ASP A 92 18.49 -10.81 -8.93
C ASP A 92 17.72 -12.09 -9.17
N ASP A 93 18.44 -13.15 -9.57
CA ASP A 93 17.87 -14.48 -9.74
C ASP A 93 17.64 -15.19 -8.42
N LEU A 94 18.40 -14.79 -7.40
CA LEU A 94 18.40 -15.42 -6.10
C LEU A 94 18.25 -14.43 -4.95
N ARG A 95 17.66 -14.93 -3.90
CA ARG A 95 17.66 -14.22 -2.63
C ARG A 95 17.95 -15.26 -1.56
N ARG A 96 19.05 -15.03 -0.82
CA ARG A 96 19.53 -16.02 0.17
C ARG A 96 19.55 -17.45 -0.45
N GLY A 97 20.12 -17.49 -1.64
CA GLY A 97 20.29 -18.72 -2.40
C GLY A 97 19.07 -19.42 -2.96
N GLN A 98 17.85 -18.86 -2.86
CA GLN A 98 16.67 -19.44 -3.43
C GLN A 98 16.13 -18.57 -4.59
N PRO A 99 15.38 -19.16 -5.55
CA PRO A 99 14.94 -18.35 -6.67
C PRO A 99 14.03 -17.20 -6.18
N THR A 100 14.28 -16.06 -6.78
CA THR A 100 13.41 -14.86 -6.52
C THR A 100 12.01 -15.12 -7.07
N THR A 101 11.04 -14.33 -6.57
CA THR A 101 9.67 -14.60 -6.93
C THR A 101 9.40 -14.48 -8.41
N HIS A 102 10.11 -13.57 -9.09
CA HIS A 102 9.85 -13.40 -10.51
C HIS A 102 10.38 -14.62 -11.35
N ARG A 103 11.34 -15.31 -10.79
CA ARG A 103 11.87 -16.55 -11.38
C ARG A 103 11.05 -17.75 -11.04
N ALA A 104 10.65 -17.93 -9.79
CA ALA A 104 9.78 -18.99 -9.37
C ALA A 104 8.37 -18.97 -10.04
N PHE A 105 7.88 -17.76 -10.28
CA PHE A 105 6.60 -17.58 -10.88
C PHE A 105 6.83 -16.86 -12.18
N ASP A 106 6.64 -15.60 -12.22
CA ASP A 106 6.84 -14.79 -13.42
C ASP A 106 6.85 -13.34 -12.95
N GLU A 107 7.29 -12.45 -13.82
CA GLU A 107 7.53 -11.09 -13.40
C GLU A 107 6.23 -10.35 -13.04
N ALA A 108 5.21 -10.55 -13.88
CA ALA A 108 3.92 -9.89 -13.59
C ALA A 108 3.37 -10.34 -12.24
N THR A 109 3.45 -11.64 -11.98
CA THR A 109 2.95 -12.22 -10.71
C THR A 109 3.78 -11.69 -9.55
N ALA A 110 5.09 -11.50 -9.70
CA ALA A 110 5.91 -10.96 -8.61
C ALA A 110 5.50 -9.56 -8.31
N ILE A 111 5.34 -8.75 -9.36
CA ILE A 111 4.94 -7.36 -9.18
C ILE A 111 3.62 -7.29 -8.41
N LEU A 112 2.66 -8.03 -8.88
CA LEU A 112 1.32 -8.08 -8.33
C LEU A 112 1.30 -8.67 -6.89
N ALA A 113 1.95 -9.81 -6.64
CA ALA A 113 2.03 -10.38 -5.30
C ALA A 113 2.50 -9.34 -4.34
N ALA A 114 3.57 -8.68 -4.67
CA ALA A 114 4.13 -7.64 -3.80
C ALA A 114 3.21 -6.45 -3.62
N ASP A 115 2.51 -6.01 -4.67
CA ASP A 115 1.51 -4.97 -4.50
C ASP A 115 0.40 -5.39 -3.51
N GLY A 116 -0.05 -6.66 -3.57
CA GLY A 116 -1.04 -7.18 -2.69
C GLY A 116 -0.51 -7.29 -1.25
N LEU A 117 0.80 -7.54 -1.09
CA LEU A 117 1.41 -7.59 0.26
C LEU A 117 1.35 -6.21 0.86
N GLN A 118 1.62 -5.17 0.05
CA GLN A 118 1.55 -3.82 0.61
C GLN A 118 0.15 -3.50 1.13
N ALA A 119 -0.86 -3.75 0.28
CA ALA A 119 -2.26 -3.53 0.75
C ALA A 119 -2.57 -4.34 2.01
N LEU A 120 -2.08 -5.56 2.02
CA LEU A 120 -2.37 -6.40 3.18
C LEU A 120 -1.81 -5.82 4.44
N ALA A 121 -0.62 -5.25 4.38
CA ALA A 121 0.03 -4.66 5.56
C ALA A 121 -0.95 -3.67 6.20
N PHE A 122 -1.55 -2.81 5.38
CA PHE A 122 -2.46 -1.74 5.83
C PHE A 122 -3.80 -2.33 6.28
N GLU A 123 -4.26 -3.39 5.59
CA GLU A 123 -5.44 -4.09 6.05
C GLU A 123 -5.26 -4.64 7.45
N VAL A 124 -4.14 -5.27 7.72
CA VAL A 124 -3.88 -5.90 9.02
C VAL A 124 -3.93 -4.87 10.14
N LEU A 125 -3.38 -3.68 9.92
CA LEU A 125 -3.38 -2.65 10.97
C LEU A 125 -4.73 -2.04 11.17
N ALA A 126 -5.50 -1.87 10.08
CA ALA A 126 -6.83 -1.25 10.20
C ALA A 126 -7.89 -2.17 10.74
N ASP A 127 -7.62 -3.47 10.72
CA ASP A 127 -8.52 -4.56 11.23
C ASP A 127 -8.49 -4.59 12.72
N THR A 128 -9.57 -4.13 13.34
CA THR A 128 -9.55 -4.01 14.81
C THR A 128 -9.74 -5.33 15.53
N ARG A 129 -10.02 -6.42 14.82
CA ARG A 129 -9.95 -7.75 15.44
C ARG A 129 -8.48 -8.20 15.50
N ARG A 130 -7.77 -8.06 14.39
CA ARG A 130 -6.37 -8.47 14.36
C ARG A 130 -5.44 -7.50 15.08
N ASN A 131 -5.83 -6.22 15.11
CA ASN A 131 -5.06 -5.16 15.73
C ASN A 131 -5.93 -4.41 16.75
N PRO A 132 -6.18 -5.07 17.91
CA PRO A 132 -7.21 -4.56 18.81
C PRO A 132 -6.74 -3.50 19.76
N GLN A 133 -6.22 -2.40 19.22
CA GLN A 133 -5.81 -1.25 19.99
C GLN A 133 -6.94 -0.31 20.08
N GLU A 134 -6.79 0.73 20.91
CA GLU A 134 -7.71 1.84 20.85
C GLU A 134 -7.65 2.42 19.42
N HIS A 135 -8.78 2.92 18.95
CA HIS A 135 -8.89 3.35 17.54
C HIS A 135 -7.91 4.40 17.19
N ALA A 136 -7.68 5.39 18.05
CA ALA A 136 -6.75 6.41 17.73
C ALA A 136 -5.32 5.86 17.59
N VAL A 137 -5.02 4.83 18.38
CA VAL A 137 -3.74 4.12 18.30
C VAL A 137 -3.62 3.38 16.97
N CYS A 138 -4.67 2.67 16.56
CA CYS A 138 -4.61 2.01 15.24
C CYS A 138 -4.33 3.05 14.15
N LEU A 139 -4.96 4.19 14.24
CA LEU A 139 -4.80 5.21 13.17
C LEU A 139 -3.37 5.76 13.16
N GLU A 140 -2.80 5.96 14.35
CA GLU A 140 -1.42 6.41 14.46
C GLU A 140 -0.43 5.38 13.90
N MET A 141 -0.70 4.12 14.15
CA MET A 141 0.13 3.01 13.60
C MET A 141 0.10 3.07 12.07
N LEU A 142 -1.09 3.24 11.55
CA LEU A 142 -1.28 3.29 10.07
C LEU A 142 -0.62 4.50 9.45
N THR A 143 -0.81 5.68 10.08
CA THR A 143 -0.13 6.87 9.65
C THR A 143 1.35 6.66 9.60
N ARG A 144 1.89 6.13 10.68
CA ARG A 144 3.36 6.02 10.75
C ARG A 144 3.86 5.02 9.73
N LEU A 145 3.17 3.90 9.57
CA LEU A 145 3.62 2.91 8.61
C LEU A 145 3.54 3.45 7.15
N ALA A 146 2.46 4.14 6.87
CA ALA A 146 2.28 4.67 5.48
C ALA A 146 3.33 5.69 5.18
N ARG A 147 3.66 6.54 6.16
CA ARG A 147 4.74 7.54 5.93
C ARG A 147 6.09 6.89 5.81
N ALA A 148 6.33 5.88 6.65
CA ALA A 148 7.61 5.21 6.59
C ALA A 148 7.81 4.37 5.37
N ALA A 149 6.72 3.77 4.85
CA ALA A 149 6.81 2.82 3.71
C ALA A 149 6.86 3.60 2.39
N GLY A 150 6.36 4.84 2.40
CA GLY A 150 6.10 5.55 1.15
C GLY A 150 7.26 6.35 0.61
N SER A 151 6.93 7.30 -0.30
CA SER A 151 7.92 8.03 -0.99
C SER A 151 8.80 8.97 -0.19
N ALA A 152 8.36 9.25 1.03
CA ALA A 152 9.14 10.03 1.97
C ALA A 152 9.94 9.16 2.93
N GLY A 153 9.85 7.87 2.77
CA GLY A 153 10.51 6.86 3.61
C GLY A 153 11.23 5.83 2.73
N MET A 154 10.82 4.57 2.86
CA MET A 154 11.44 3.46 2.23
C MET A 154 11.54 3.58 0.68
N VAL A 155 10.42 3.89 0.05
CA VAL A 155 10.41 4.01 -1.39
C VAL A 155 11.28 5.15 -1.83
N GLY A 156 11.23 6.24 -1.07
CA GLY A 156 12.17 7.38 -1.26
C GLY A 156 13.62 6.92 -1.18
N GLY A 157 13.94 6.12 -0.18
CA GLY A 157 15.30 5.63 -0.09
C GLY A 157 15.72 4.77 -1.23
N GLN A 158 14.84 3.96 -1.75
CA GLN A 158 15.13 3.14 -2.93
C GLN A 158 15.42 4.08 -4.09
N ALA A 159 14.64 5.12 -4.23
CA ALA A 159 14.85 6.11 -5.32
C ALA A 159 16.17 6.82 -5.10
N ILE A 160 16.52 7.14 -3.89
CA ILE A 160 17.78 7.85 -3.62
C ILE A 160 18.93 6.89 -3.96
N ASP A 161 18.86 5.60 -3.58
CA ASP A 161 19.87 4.57 -3.91
C ASP A 161 20.03 4.47 -5.43
N LEU A 162 18.92 4.33 -6.13
CA LEU A 162 18.98 4.24 -7.56
C LEU A 162 19.54 5.49 -8.20
N GLY A 163 19.22 6.66 -7.68
CA GLY A 163 19.63 7.95 -8.26
C GLY A 163 21.03 8.37 -7.90
N SER A 164 21.65 7.67 -6.96
CA SER A 164 22.96 8.12 -6.48
C SER A 164 24.10 7.81 -7.41
N VAL A 165 25.13 8.66 -7.32
CA VAL A 165 26.43 8.40 -7.97
C VAL A 165 27.53 8.41 -6.91
N ALA A 168 30.28 9.41 -6.50
CA ALA A 168 30.70 9.63 -5.13
C ALA A 168 29.59 10.26 -4.26
N LEU A 169 29.19 9.52 -3.23
CA LEU A 169 28.47 10.05 -2.10
C LEU A 169 29.45 10.31 -0.99
N ASP A 170 29.22 11.35 -0.20
CA ASP A 170 29.99 11.51 1.02
C ASP A 170 29.25 10.75 2.11
N GLN A 171 29.82 10.73 3.31
CA GLN A 171 29.17 10.06 4.42
C GLN A 171 27.75 10.60 4.68
N ALA A 172 27.56 11.93 4.64
CA ALA A 172 26.26 12.51 4.91
C ALA A 172 25.20 11.97 3.91
N ALA A 173 25.54 11.92 2.65
CA ALA A 173 24.63 11.46 1.64
C ALA A 173 24.38 9.94 1.74
N LEU A 174 25.41 9.18 2.09
CA LEU A 174 25.23 7.75 2.31
C LEU A 174 24.24 7.56 3.44
N GLU A 175 24.34 8.37 4.47
CA GLU A 175 23.48 8.24 5.65
C GLU A 175 22.04 8.67 5.37
N VAL A 176 21.88 9.73 4.56
CA VAL A 176 20.52 10.13 4.12
C VAL A 176 19.86 8.92 3.40
N MET A 177 20.63 8.26 2.54
N MET A 177 20.63 8.26 2.53
CA MET A 177 20.10 7.13 1.75
CA MET A 177 20.09 7.15 1.77
C MET A 177 19.67 6.03 2.71
C MET A 177 19.67 6.05 2.72
N HIS A 178 20.60 5.66 3.60
CA HIS A 178 20.31 4.57 4.56
C HIS A 178 19.14 4.91 5.44
N ARG A 179 19.07 6.14 5.97
CA ARG A 179 18.00 6.53 6.86
C ARG A 179 16.64 6.37 6.17
N HIS A 180 16.58 6.61 4.87
CA HIS A 180 15.31 6.42 4.16
C HIS A 180 15.12 4.94 3.80
N LYS A 181 16.13 4.32 3.22
CA LYS A 181 15.93 3.03 2.57
C LYS A 181 15.66 1.93 3.56
N THR A 182 16.40 1.95 4.65
CA THR A 182 16.15 0.98 5.74
C THR A 182 15.76 1.63 7.07
N GLY A 183 16.22 2.85 7.35
CA GLY A 183 15.96 3.47 8.65
C GLY A 183 14.47 3.69 8.88
N ALA A 184 13.74 4.16 7.89
CA ALA A 184 12.38 4.53 8.13
C ALA A 184 11.56 3.35 8.65
N LEU A 185 11.72 2.23 8.04
CA LEU A 185 10.90 1.06 8.37
C LEU A 185 11.39 0.47 9.71
N ILE A 186 12.71 0.51 9.96
CA ILE A 186 13.21 0.09 11.29
C ILE A 186 12.60 0.95 12.36
N GLU A 187 12.59 2.25 12.17
CA GLU A 187 12.04 3.21 13.08
C GLU A 187 10.55 2.94 13.28
N ALA A 188 9.85 2.66 12.21
CA ALA A 188 8.41 2.37 12.29
C ALA A 188 8.12 1.09 13.03
N SER A 189 9.00 0.12 12.91
CA SER A 189 8.80 -1.16 13.59
C SER A 189 8.82 -0.92 15.11
N VAL A 190 9.83 -0.20 15.54
CA VAL A 190 9.92 0.20 16.96
C VAL A 190 8.71 1.08 17.41
N ARG A 191 8.34 2.07 16.61
CA ARG A 191 7.26 2.97 16.94
C ARG A 191 5.95 2.18 17.04
N LEU A 192 5.68 1.28 16.09
CA LEU A 192 4.42 0.55 16.10
C LEU A 192 4.34 -0.40 17.30
N GLY A 193 5.45 -1.06 17.61
CA GLY A 193 5.44 -1.94 18.81
C GLY A 193 5.23 -1.11 20.05
N ALA A 194 5.83 0.08 20.11
CA ALA A 194 5.67 0.96 21.26
C ALA A 194 4.21 1.40 21.38
N LEU A 195 3.58 1.72 20.23
CA LEU A 195 2.20 2.12 20.28
C LEU A 195 1.30 0.98 20.76
N ALA A 196 1.60 -0.24 20.34
CA ALA A 196 0.87 -1.42 20.66
C ALA A 196 0.96 -1.72 22.16
N SER A 197 1.96 -1.19 22.83
CA SER A 197 2.06 -1.43 24.32
C SER A 197 0.86 -0.83 25.08
N GLY A 198 0.26 0.25 24.57
CA GLY A 198 -0.78 0.98 25.29
C GLY A 198 -0.20 1.95 26.31
N ARG A 199 1.14 2.04 26.38
CA ARG A 199 1.85 2.83 27.39
C ARG A 199 2.85 3.77 26.75
N ALA A 200 2.63 4.10 25.48
CA ALA A 200 3.54 4.99 24.82
C ALA A 200 3.34 6.36 25.46
N GLU A 201 4.41 7.10 25.55
CA GLU A 201 4.30 8.54 25.68
C GLU A 201 5.39 9.23 24.96
N PRO A 202 5.29 10.56 24.78
CA PRO A 202 6.25 11.18 23.88
C PRO A 202 7.73 11.01 24.21
N ALA A 203 8.11 11.15 25.50
CA ALA A 203 9.51 10.99 25.80
C ALA A 203 9.97 9.57 25.50
N SER A 204 9.18 8.57 25.87
CA SER A 204 9.62 7.19 25.56
CA SER A 204 9.61 7.18 25.59
C SER A 204 9.65 6.92 24.07
N LEU A 205 8.67 7.45 23.35
CA LEU A 205 8.73 7.33 21.89
C LEU A 205 9.93 7.98 21.27
N ALA A 206 10.34 9.14 21.76
CA ALA A 206 11.45 9.83 21.22
C ALA A 206 12.73 9.01 21.49
N ALA A 207 12.85 8.49 22.72
CA ALA A 207 13.99 7.67 23.05
C ALA A 207 14.10 6.45 22.20
N LEU A 208 12.97 5.81 22.01
CA LEU A 208 12.94 4.62 21.15
C LEU A 208 13.24 4.95 19.73
N GLU A 209 12.83 6.15 19.26
CA GLU A 209 13.27 6.63 17.94
C GLU A 209 14.78 6.85 17.79
N ARG A 210 15.43 7.39 18.84
CA ARG A 210 16.86 7.53 18.85
C ARG A 210 17.54 6.14 18.77
N TYR A 211 17.02 5.22 19.57
CA TYR A 211 17.52 3.85 19.53
C TYR A 211 17.49 3.33 18.11
N ALA A 212 16.31 3.44 17.49
CA ALA A 212 16.08 2.85 16.18
C ALA A 212 16.96 3.47 15.10
N GLU A 213 17.14 4.78 15.16
CA GLU A 213 18.05 5.46 14.27
C GLU A 213 19.45 4.92 14.34
N ALA A 214 19.90 4.75 15.58
CA ALA A 214 21.24 4.25 15.81
C ALA A 214 21.45 2.84 15.36
N ILE A 215 20.56 1.90 15.71
CA ILE A 215 20.76 0.55 15.26
C ILE A 215 20.62 0.37 13.77
N GLY A 216 19.71 1.17 13.17
CA GLY A 216 19.57 1.09 11.69
C GLY A 216 20.86 1.40 10.98
N LEU A 217 21.57 2.41 11.44
CA LEU A 217 22.83 2.74 10.86
C LEU A 217 23.90 1.73 11.24
N ALA A 218 23.88 1.31 12.53
CA ALA A 218 24.87 0.30 12.96
C ALA A 218 24.88 -0.95 12.10
N PHE A 219 23.70 -1.43 11.72
CA PHE A 219 23.59 -2.54 10.89
C PHE A 219 24.30 -2.35 9.56
N GLN A 220 24.13 -1.17 8.99
CA GLN A 220 24.71 -0.90 7.69
C GLN A 220 26.24 -0.76 7.77
N VAL A 221 26.69 -0.11 8.83
CA VAL A 221 28.15 0.04 9.05
C VAL A 221 28.78 -1.33 9.23
N GLN A 222 28.21 -2.14 10.14
CA GLN A 222 28.80 -3.49 10.37
C GLN A 222 28.70 -4.37 9.11
N ASP A 223 27.62 -4.27 8.33
CA ASP A 223 27.54 -5.08 7.10
C ASP A 223 28.69 -4.76 6.12
N ASP A 224 29.00 -3.47 6.00
CA ASP A 224 30.07 -3.00 5.14
C ASP A 224 31.39 -3.53 5.67
N ILE A 225 31.56 -3.52 6.98
CA ILE A 225 32.81 -3.99 7.57
C ILE A 225 32.97 -5.46 7.27
N LEU A 226 31.92 -6.26 7.46
CA LEU A 226 31.99 -7.68 7.24
C LEU A 226 32.24 -8.05 5.76
N ASP A 227 31.68 -7.25 4.85
CA ASP A 227 31.94 -7.39 3.38
C ASP A 227 33.43 -7.24 3.01
N VAL A 228 34.13 -6.29 3.64
CA VAL A 228 35.60 -6.21 3.56
C VAL A 228 36.23 -7.46 4.16
N PRO A 248 31.05 2.69 -2.61
CA PRO A 248 31.26 3.75 -1.62
C PRO A 248 30.69 3.33 -0.24
N THR A 249 31.57 2.78 0.61
CA THR A 249 31.16 2.04 1.81
C THR A 249 31.69 2.73 3.02
N TYR A 250 31.22 2.35 4.22
CA TYR A 250 31.76 2.97 5.39
C TYR A 250 33.31 2.79 5.55
N PRO A 251 33.82 1.57 5.33
CA PRO A 251 35.31 1.44 5.34
C PRO A 251 36.02 2.33 4.33
N ALA A 252 35.46 2.48 3.14
CA ALA A 252 36.13 3.35 2.12
C ALA A 252 36.10 4.78 2.56
N LEU A 253 35.03 5.18 3.24
CA LEU A 253 34.86 6.57 3.57
C LEU A 253 35.61 7.02 4.78
N LEU A 254 35.63 6.13 5.78
CA LEU A 254 36.16 6.46 7.06
C LEU A 254 37.56 5.83 7.30
N GLY A 255 37.85 4.74 6.61
CA GLY A 255 38.94 3.83 6.84
C GLY A 255 38.37 2.65 7.62
N LEU A 256 38.96 1.46 7.47
CA LEU A 256 38.45 0.23 8.10
C LEU A 256 38.36 0.35 9.60
N GLU A 257 39.45 0.73 10.21
CA GLU A 257 39.48 0.71 11.63
C GLU A 257 38.58 1.82 12.20
N ALA A 258 38.50 2.95 11.51
CA ALA A 258 37.65 4.02 11.95
C ALA A 258 36.10 3.64 11.81
N ALA A 259 35.80 2.92 10.75
CA ALA A 259 34.42 2.36 10.53
C ALA A 259 34.06 1.45 11.75
N LYS A 260 35.00 0.59 12.15
CA LYS A 260 34.76 -0.32 13.31
C LYS A 260 34.44 0.49 14.58
N GLY A 261 35.17 1.60 14.77
CA GLY A 261 34.92 2.52 15.82
C GLY A 261 33.57 3.17 15.86
N TYR A 262 33.16 3.57 14.65
CA TYR A 262 31.87 4.17 14.48
C TYR A 262 30.72 3.19 14.78
N ALA A 263 30.89 1.95 14.43
CA ALA A 263 29.89 0.91 14.76
C ALA A 263 29.70 0.84 16.25
N LEU A 264 30.82 0.87 16.99
CA LEU A 264 30.66 0.91 18.46
C LEU A 264 29.98 2.14 19.01
N GLU A 265 30.29 3.29 18.42
CA GLU A 265 29.66 4.54 18.82
CA GLU A 265 29.68 4.55 18.81
C GLU A 265 28.15 4.50 18.60
N LEU A 266 27.72 3.90 17.49
CA LEU A 266 26.28 3.77 17.16
C LEU A 266 25.59 2.81 18.16
N ARG A 267 26.24 1.68 18.43
CA ARG A 267 25.73 0.81 19.49
C ARG A 267 25.57 1.62 20.81
N ASP A 268 26.59 2.38 21.15
CA ASP A 268 26.50 3.16 22.36
C ASP A 268 25.41 4.18 22.39
N LEU A 269 25.15 4.84 21.25
CA LEU A 269 24.04 5.76 21.18
C LEU A 269 22.72 5.05 21.36
N ALA A 270 22.61 3.83 20.80
CA ALA A 270 21.38 3.04 20.96
C ALA A 270 21.16 2.70 22.44
N LEU A 271 22.23 2.26 23.09
CA LEU A 271 22.12 1.86 24.54
C LEU A 271 21.79 3.08 25.39
N ALA A 272 22.39 4.19 25.09
CA ALA A 272 22.16 5.44 25.86
C ALA A 272 20.71 5.91 25.71
N ALA A 273 20.14 5.70 24.51
CA ALA A 273 18.75 6.06 24.34
C ALA A 273 17.83 5.26 25.23
N LEU A 274 18.24 4.07 25.67
CA LEU A 274 17.44 3.27 26.54
C LEU A 274 17.82 3.38 28.05
N ASP A 275 18.64 4.37 28.38
CA ASP A 275 18.96 4.64 29.80
C ASP A 275 17.69 4.99 30.52
N GLY A 276 17.50 4.37 31.67
CA GLY A 276 16.26 4.63 32.38
C GLY A 276 15.10 3.73 32.01
N PHE A 277 15.18 3.03 30.88
CA PHE A 277 14.18 2.03 30.64
C PHE A 277 14.44 0.86 31.59
N PRO A 278 13.38 0.15 31.93
CA PRO A 278 13.52 -0.98 32.83
C PRO A 278 14.17 -2.19 32.19
N PRO A 279 14.29 -3.28 32.99
CA PRO A 279 14.87 -4.48 32.44
C PRO A 279 14.12 -5.10 31.25
N SER A 280 12.82 -4.81 31.11
CA SER A 280 12.06 -5.41 30.01
C SER A 280 12.59 -4.84 28.64
N ALA A 281 13.39 -3.80 28.70
CA ALA A 281 14.06 -3.27 27.45
C ALA A 281 15.35 -4.07 27.10
N ASP A 282 15.73 -5.07 27.91
CA ASP A 282 16.94 -5.78 27.65
C ASP A 282 17.03 -6.39 26.25
N PRO A 283 15.93 -6.92 25.69
CA PRO A 283 16.04 -7.49 24.35
C PRO A 283 16.55 -6.45 23.34
N LEU A 284 16.07 -5.24 23.47
CA LEU A 284 16.57 -4.14 22.61
C LEU A 284 18.03 -3.86 22.81
N ARG A 285 18.42 -3.85 24.09
CA ARG A 285 19.84 -3.65 24.36
C ARG A 285 20.72 -4.75 23.76
N GLN A 286 20.29 -5.99 23.96
CA GLN A 286 21.00 -7.15 23.44
C GLN A 286 21.11 -7.15 21.91
N LEU A 287 20.03 -6.74 21.26
CA LEU A 287 20.05 -6.60 19.82
C LEU A 287 21.08 -5.56 19.36
N ALA A 288 21.14 -4.45 20.02
CA ALA A 288 22.15 -3.44 19.70
C ALA A 288 23.57 -3.97 19.75
N ARG A 289 23.83 -4.75 20.82
CA ARG A 289 25.16 -5.37 20.89
C ARG A 289 25.37 -6.42 19.85
N TYR A 290 24.39 -7.27 19.61
CA TYR A 290 24.50 -8.32 18.61
C TYR A 290 24.89 -7.77 17.23
N ILE A 291 24.27 -6.64 16.88
CA ILE A 291 24.44 -6.08 15.55
C ILE A 291 25.93 -5.76 15.26
N VAL A 292 26.62 -5.24 16.25
CA VAL A 292 28.00 -4.90 16.03
C VAL A 292 28.99 -6.00 16.42
N GLU A 293 28.52 -7.00 17.17
CA GLU A 293 29.39 -8.12 17.51
C GLU A 293 29.42 -9.22 16.52
N ARG A 294 28.49 -9.23 15.56
CA ARG A 294 28.50 -10.31 14.59
C ARG A 294 29.79 -10.32 13.74
N ARG A 295 30.26 -11.56 13.51
CA ARG A 295 31.53 -11.88 12.85
C ARG A 295 31.21 -13.09 11.99
N SER B 1 -25.05 16.21 -18.90
CA SER B 1 -25.05 17.69 -18.71
C SER B 1 -25.30 18.24 -17.30
N MET B 2 -26.36 17.87 -16.55
CA MET B 2 -26.23 17.96 -15.13
CA MET B 2 -26.24 17.95 -15.09
C MET B 2 -25.05 17.05 -14.70
N ILE B 3 -24.98 15.84 -15.26
CA ILE B 3 -23.86 14.90 -14.87
C ILE B 3 -22.52 15.50 -15.33
N ALA B 4 -22.52 16.16 -16.48
CA ALA B 4 -21.29 16.79 -17.00
C ALA B 4 -20.77 17.85 -16.08
N ALA B 5 -21.68 18.65 -15.53
CA ALA B 5 -21.32 19.71 -14.61
C ALA B 5 -20.85 19.11 -13.28
N TYR B 6 -21.49 18.03 -12.89
CA TYR B 6 -21.15 17.39 -11.64
C TYR B 6 -19.74 16.78 -11.78
N GLN B 7 -19.50 16.11 -12.86
CA GLN B 7 -18.19 15.52 -13.10
C GLN B 7 -17.10 16.59 -13.14
N ALA B 8 -17.35 17.72 -13.83
CA ALA B 8 -16.37 18.77 -13.86
C ALA B 8 -16.04 19.30 -12.48
N ARG B 9 -17.04 19.48 -11.63
CA ARG B 9 -16.85 19.99 -10.29
C ARG B 9 -15.98 19.00 -9.50
N CYS B 10 -16.31 17.69 -9.63
CA CYS B 10 -15.56 16.67 -8.84
C CYS B 10 -14.12 16.63 -9.33
N GLN B 11 -13.94 16.65 -10.65
CA GLN B 11 -12.59 16.62 -11.25
C GLN B 11 -11.76 17.78 -10.73
N ALA B 12 -12.30 19.01 -10.78
CA ALA B 12 -11.52 20.16 -10.34
C ALA B 12 -11.16 20.05 -8.86
N ARG B 13 -12.10 19.61 -8.05
CA ARG B 13 -11.91 19.53 -6.63
C ARG B 13 -10.83 18.52 -6.28
N VAL B 14 -10.98 17.32 -6.81
CA VAL B 14 -9.99 16.30 -6.46
C VAL B 14 -8.62 16.59 -7.04
N ASP B 15 -8.57 17.21 -8.24
CA ASP B 15 -7.31 17.51 -8.83
C ASP B 15 -6.56 18.49 -7.96
N ALA B 16 -7.25 19.45 -7.40
CA ALA B 16 -6.54 20.44 -6.57
C ALA B 16 -5.96 19.77 -5.35
N ALA B 17 -6.74 18.90 -4.73
CA ALA B 17 -6.24 18.16 -3.57
C ALA B 17 -5.07 17.23 -3.95
N LEU B 18 -5.20 16.50 -5.03
CA LEU B 18 -4.15 15.60 -5.42
C LEU B 18 -2.86 16.34 -5.75
N ASP B 19 -2.99 17.44 -6.49
CA ASP B 19 -1.77 18.08 -6.97
C ASP B 19 -0.87 18.51 -5.78
N ALA B 20 -1.51 18.87 -4.68
CA ALA B 20 -0.81 19.30 -3.50
C ALA B 20 -0.03 18.22 -2.76
N LEU B 21 -0.25 16.97 -3.12
CA LEU B 21 0.42 15.86 -2.45
C LEU B 21 1.78 15.54 -3.05
N PHE B 22 2.18 16.19 -4.12
CA PHE B 22 3.36 15.74 -4.83
C PHE B 22 4.60 16.65 -4.70
N VAL B 23 4.77 17.26 -3.54
CA VAL B 23 5.94 18.12 -3.30
C VAL B 23 7.00 17.31 -2.58
N ALA B 24 8.17 17.11 -3.20
CA ALA B 24 9.17 16.34 -2.57
C ALA B 24 9.62 16.98 -1.27
N PRO B 25 9.79 16.17 -0.21
CA PRO B 25 10.20 16.80 1.06
C PRO B 25 11.65 17.22 1.10
N ARG B 26 12.42 16.72 0.18
CA ARG B 26 13.82 17.09 0.01
C ARG B 26 14.30 16.85 -1.39
N GLU B 27 15.39 17.54 -1.76
CA GLU B 27 15.78 17.58 -3.13
C GLU B 27 16.11 16.24 -3.80
N GLU B 28 16.63 15.30 -3.02
CA GLU B 28 17.04 14.02 -3.57
C GLU B 28 15.81 13.21 -4.05
N LEU B 29 14.64 13.64 -3.58
CA LEU B 29 13.40 12.92 -3.95
C LEU B 29 12.61 13.62 -5.10
N GLN B 30 13.16 14.69 -5.68
CA GLN B 30 12.40 15.46 -6.63
C GLN B 30 11.92 14.62 -7.82
N ARG B 31 12.78 13.80 -8.37
CA ARG B 31 12.44 13.06 -9.64
C ARG B 31 11.37 12.01 -9.33
N LEU B 32 11.48 11.35 -8.16
CA LEU B 32 10.45 10.44 -7.75
C LEU B 32 9.05 11.09 -7.67
N TYR B 33 9.01 12.23 -7.03
CA TYR B 33 7.78 12.97 -6.81
C TYR B 33 7.25 13.51 -8.13
N GLU B 34 8.18 13.88 -9.00
CA GLU B 34 7.77 14.21 -10.40
C GLU B 34 7.12 13.06 -11.09
N ALA B 35 7.67 11.86 -10.95
CA ALA B 35 7.06 10.70 -11.54
C ALA B 35 5.68 10.38 -10.94
N MET B 36 5.56 10.54 -9.64
CA MET B 36 4.27 10.40 -8.95
C MET B 36 3.24 11.39 -9.52
N ARG B 37 3.64 12.65 -9.63
CA ARG B 37 2.77 13.69 -10.16
CA ARG B 37 2.78 13.70 -10.15
C ARG B 37 2.37 13.38 -11.58
N TYR B 38 3.31 12.96 -12.38
CA TYR B 38 3.10 12.64 -13.82
C TYR B 38 2.08 11.53 -13.97
N SER B 39 2.13 10.58 -13.05
CA SER B 39 1.24 9.42 -13.05
C SER B 39 -0.18 9.72 -12.63
N VAL B 40 -0.41 10.78 -11.88
CA VAL B 40 -1.74 11.10 -11.36
C VAL B 40 -2.40 12.25 -12.14
N MET B 41 -1.60 13.27 -12.44
CA MET B 41 -2.14 14.53 -12.98
C MET B 41 -2.11 14.40 -14.46
N ASN B 42 -2.90 13.50 -14.98
CA ASN B 42 -2.85 13.18 -16.39
C ASN B 42 -4.16 13.44 -17.14
N GLY B 43 -4.95 14.34 -16.62
CA GLY B 43 -6.24 14.66 -17.23
C GLY B 43 -7.30 13.59 -17.17
N GLY B 44 -7.13 12.64 -16.24
CA GLY B 44 -8.15 11.63 -16.00
C GLY B 44 -9.50 12.26 -15.67
N LYS B 45 -10.56 11.51 -15.94
CA LYS B 45 -11.93 11.97 -15.66
C LYS B 45 -12.41 11.83 -14.24
N ARG B 46 -11.64 11.10 -13.43
CA ARG B 46 -11.89 11.09 -12.00
C ARG B 46 -13.29 10.47 -11.66
N VAL B 47 -13.64 9.40 -12.35
CA VAL B 47 -14.92 8.70 -12.07
C VAL B 47 -14.98 8.19 -10.63
N ARG B 48 -13.86 7.67 -10.10
CA ARG B 48 -13.89 7.09 -8.73
C ARG B 48 -14.08 8.22 -7.68
N PRO B 49 -13.38 9.35 -7.79
CA PRO B 49 -13.74 10.54 -6.96
C PRO B 49 -15.22 10.97 -7.13
N LEU B 50 -15.69 10.97 -8.35
CA LEU B 50 -17.12 11.35 -8.61
C LEU B 50 -18.01 10.47 -7.75
N LEU B 51 -17.77 9.16 -7.84
CA LEU B 51 -18.56 8.19 -7.08
C LEU B 51 -18.50 8.40 -5.54
N ALA B 52 -17.32 8.68 -5.00
CA ALA B 52 -17.19 8.96 -3.61
C ALA B 52 -18.03 10.26 -3.26
N TYR B 53 -17.87 11.34 -3.99
CA TYR B 53 -18.60 12.55 -3.70
C TYR B 53 -20.08 12.28 -3.82
N ALA B 54 -20.49 11.61 -4.91
CA ALA B 54 -21.95 11.41 -5.18
C ALA B 54 -22.57 10.48 -4.16
N ALA B 55 -21.84 9.48 -3.66
CA ALA B 55 -22.38 8.58 -2.64
C ALA B 55 -22.52 9.34 -1.31
N CYS B 56 -21.56 10.20 -1.01
CA CYS B 56 -21.60 11.01 0.21
C CYS B 56 -22.90 11.91 0.14
N GLU B 57 -23.07 12.56 -1.00
CA GLU B 57 -24.28 13.45 -1.18
C GLU B 57 -25.55 12.68 -1.17
N ALA B 58 -25.54 11.46 -1.72
CA ALA B 58 -26.73 10.63 -1.73
C ALA B 58 -27.27 10.34 -0.38
N LEU B 59 -26.39 10.30 0.62
CA LEU B 59 -26.78 10.09 2.05
C LEU B 59 -26.88 11.35 2.86
N GLY B 60 -26.86 12.46 2.20
CA GLY B 60 -27.02 13.79 2.82
C GLY B 60 -25.78 14.39 3.47
N GLY B 61 -24.59 13.89 3.15
CA GLY B 61 -23.35 14.60 3.55
C GLY B 61 -22.86 15.66 2.63
N ALA B 62 -22.27 16.70 3.20
CA ALA B 62 -21.64 17.72 2.41
C ALA B 62 -20.45 17.03 1.65
N PRO B 63 -20.29 17.34 0.36
CA PRO B 63 -19.31 16.63 -0.50
C PRO B 63 -17.87 16.74 0.01
N GLN B 64 -17.51 17.90 0.57
CA GLN B 64 -16.13 18.09 1.10
C GLN B 64 -15.73 17.03 2.11
N ARG B 65 -16.68 16.41 2.76
CA ARG B 65 -16.40 15.39 3.75
C ARG B 65 -15.69 14.19 3.05
N ALA B 66 -15.97 14.02 1.78
CA ALA B 66 -15.43 12.88 1.01
C ALA B 66 -14.13 13.23 0.29
N ASP B 67 -13.52 14.36 0.60
CA ASP B 67 -12.29 14.79 -0.13
C ASP B 67 -11.14 13.74 -0.01
N ALA B 68 -10.90 13.22 1.19
CA ALA B 68 -9.82 12.25 1.39
C ALA B 68 -10.17 10.98 0.68
N ALA B 69 -11.43 10.54 0.80
CA ALA B 69 -11.89 9.31 0.12
C ALA B 69 -11.66 9.42 -1.36
N ALA B 70 -12.04 10.55 -1.94
CA ALA B 70 -11.89 10.81 -3.36
C ALA B 70 -10.38 10.72 -3.76
N CYS B 71 -9.52 11.31 -2.93
CA CYS B 71 -8.07 11.23 -3.22
C CYS B 71 -7.60 9.82 -3.17
N ALA B 72 -8.00 9.10 -2.10
CA ALA B 72 -7.45 7.78 -1.88
C ALA B 72 -7.78 6.83 -2.98
N VAL B 73 -9.07 6.84 -3.42
CA VAL B 73 -9.44 5.94 -4.50
C VAL B 73 -8.75 6.29 -5.81
N GLU B 74 -8.60 7.58 -6.14
CA GLU B 74 -7.88 7.97 -7.31
C GLU B 74 -6.39 7.55 -7.25
N LEU B 75 -5.78 7.65 -6.07
CA LEU B 75 -4.35 7.25 -5.91
C LEU B 75 -4.18 5.76 -6.16
N ILE B 76 -5.07 4.94 -5.62
CA ILE B 76 -5.10 3.51 -5.93
C ILE B 76 -5.22 3.23 -7.43
N HIS B 77 -6.24 3.83 -7.99
CA HIS B 77 -6.43 3.76 -9.44
C HIS B 77 -5.17 4.10 -10.26
N ALA B 78 -4.61 5.24 -9.97
CA ALA B 78 -3.42 5.73 -10.65
C ALA B 78 -2.25 4.76 -10.52
N TYR B 79 -2.04 4.24 -9.29
CA TYR B 79 -0.92 3.35 -9.12
C TYR B 79 -1.13 2.10 -9.97
N SER B 80 -2.35 1.59 -9.97
CA SER B 80 -2.66 0.35 -10.65
C SER B 80 -2.36 0.50 -12.14
N LEU B 81 -2.64 1.66 -12.71
CA LEU B 81 -2.44 1.87 -14.15
C LEU B 81 -0.92 1.95 -14.50
N VAL B 82 -0.15 2.58 -13.61
CA VAL B 82 1.32 2.59 -13.77
C VAL B 82 1.90 1.22 -13.81
N HIS B 83 1.55 0.33 -12.85
CA HIS B 83 2.02 -1.04 -12.92
C HIS B 83 1.50 -1.85 -14.08
N ASP B 84 0.24 -1.63 -14.43
CA ASP B 84 -0.37 -2.33 -15.58
C ASP B 84 0.33 -1.97 -16.89
N ASP B 85 0.85 -0.77 -17.01
CA ASP B 85 1.48 -0.32 -18.23
C ASP B 85 2.88 -0.94 -18.42
N LEU B 86 3.49 -1.45 -17.36
CA LEU B 86 4.88 -1.93 -17.43
C LEU B 86 5.10 -3.04 -18.45
N PRO B 87 6.35 -3.19 -18.92
CA PRO B 87 6.66 -4.23 -19.95
C PRO B 87 6.28 -5.66 -19.62
N ALA B 88 6.35 -6.03 -18.35
CA ALA B 88 5.96 -7.34 -17.92
C ALA B 88 4.44 -7.56 -17.80
N MET B 89 3.69 -6.48 -17.83
CA MET B 89 2.25 -6.49 -17.76
C MET B 89 1.66 -6.21 -19.12
N ASP B 90 1.08 -5.04 -19.34
CA ASP B 90 0.57 -4.74 -20.70
CA ASP B 90 0.52 -4.67 -20.67
C ASP B 90 1.53 -4.09 -21.69
N ASP B 91 2.72 -3.68 -21.23
CA ASP B 91 3.76 -3.14 -22.07
C ASP B 91 3.19 -2.02 -22.94
N ASP B 92 2.60 -1.05 -22.29
CA ASP B 92 1.94 0.02 -22.95
CA ASP B 92 1.92 0.05 -22.98
C ASP B 92 2.79 1.28 -23.01
N ASP B 93 3.12 1.79 -24.19
CA ASP B 93 3.96 2.94 -24.37
C ASP B 93 3.26 4.31 -24.23
N LEU B 94 1.96 4.36 -24.53
CA LEU B 94 1.14 5.53 -24.46
C LEU B 94 -0.19 5.35 -23.74
N ARG B 95 -0.69 6.42 -23.16
CA ARG B 95 -2.04 6.45 -22.57
C ARG B 95 -2.56 7.80 -23.04
N ARG B 96 -3.62 7.82 -23.89
CA ARG B 96 -4.14 9.10 -24.43
C ARG B 96 -3.08 9.99 -25.14
N GLY B 97 -2.26 9.30 -25.93
CA GLY B 97 -1.19 9.89 -26.70
C GLY B 97 0.00 10.40 -25.94
N GLN B 98 0.02 10.22 -24.60
CA GLN B 98 1.16 10.62 -23.82
C GLN B 98 1.92 9.41 -23.29
N PRO B 99 3.23 9.55 -23.21
CA PRO B 99 4.03 8.49 -22.67
C PRO B 99 3.49 8.04 -21.28
N THR B 100 3.51 6.76 -21.16
CA THR B 100 3.27 6.13 -19.83
C THR B 100 4.46 6.47 -18.94
N THR B 101 4.30 6.23 -17.64
CA THR B 101 5.33 6.68 -16.72
C THR B 101 6.65 5.99 -16.92
N HIS B 102 6.66 4.70 -17.25
CA HIS B 102 7.94 3.99 -17.41
C HIS B 102 8.67 4.49 -18.68
N ARG B 103 7.89 4.99 -19.63
CA ARG B 103 8.48 5.58 -20.86
C ARG B 103 8.99 6.95 -20.63
N ALA B 104 8.23 7.77 -19.90
CA ALA B 104 8.60 9.14 -19.61
C ALA B 104 9.88 9.22 -18.73
N PHE B 105 9.99 8.28 -17.79
CA PHE B 105 11.07 8.30 -16.82
C PHE B 105 11.92 7.06 -17.06
N ASP B 106 11.69 5.97 -16.31
CA ASP B 106 12.29 4.69 -16.53
C ASP B 106 11.48 3.67 -15.68
N GLU B 107 11.70 2.41 -15.95
CA GLU B 107 10.91 1.34 -15.34
C GLU B 107 11.02 1.30 -13.85
N ALA B 108 12.21 1.40 -13.32
CA ALA B 108 12.36 1.39 -11.87
C ALA B 108 11.65 2.55 -11.20
N THR B 109 11.75 3.72 -11.80
CA THR B 109 11.12 4.91 -11.30
C THR B 109 9.60 4.76 -11.29
N ALA B 110 9.06 4.16 -12.35
CA ALA B 110 7.64 3.96 -12.44
C ALA B 110 7.16 2.98 -11.38
N ILE B 111 7.87 1.90 -11.25
CA ILE B 111 7.53 0.88 -10.18
C ILE B 111 7.49 1.60 -8.84
N LEU B 112 8.54 2.35 -8.52
CA LEU B 112 8.66 3.03 -7.24
C LEU B 112 7.61 4.11 -7.03
N ALA B 113 7.36 4.94 -8.06
CA ALA B 113 6.40 6.01 -7.96
C ALA B 113 5.02 5.43 -7.59
N ALA B 114 4.68 4.33 -8.21
CA ALA B 114 3.37 3.71 -8.01
C ALA B 114 3.34 3.08 -6.63
N ASP B 115 4.42 2.43 -6.24
CA ASP B 115 4.46 1.84 -4.89
C ASP B 115 4.22 2.97 -3.86
N GLY B 116 4.84 4.14 -4.04
CA GLY B 116 4.62 5.30 -3.20
C GLY B 116 3.19 5.80 -3.23
N LEU B 117 2.56 5.80 -4.42
CA LEU B 117 1.16 6.22 -4.53
C LEU B 117 0.23 5.33 -3.70
N GLN B 118 0.49 4.03 -3.70
CA GLN B 118 -0.34 3.13 -2.91
C GLN B 118 -0.20 3.48 -1.43
N ALA B 119 1.03 3.64 -0.95
CA ALA B 119 1.20 3.98 0.44
C ALA B 119 0.46 5.29 0.74
N LEU B 120 0.55 6.26 -0.14
CA LEU B 120 -0.04 7.55 0.07
C LEU B 120 -1.55 7.49 0.20
N ALA B 121 -2.16 6.60 -0.57
CA ALA B 121 -3.64 6.44 -0.54
C ALA B 121 -4.03 6.09 0.92
N PHE B 122 -3.25 5.23 1.56
CA PHE B 122 -3.56 4.83 2.95
C PHE B 122 -3.20 5.94 3.92
N GLU B 123 -2.10 6.62 3.65
CA GLU B 123 -1.70 7.73 4.48
C GLU B 123 -2.87 8.74 4.51
N VAL B 124 -3.42 9.11 3.36
CA VAL B 124 -4.43 10.12 3.29
C VAL B 124 -5.68 9.76 4.05
N LEU B 125 -6.07 8.48 4.07
CA LEU B 125 -7.24 8.07 4.85
C LEU B 125 -6.99 7.99 6.37
N ALA B 126 -5.75 7.73 6.75
CA ALA B 126 -5.41 7.56 8.18
C ALA B 126 -5.17 8.90 8.81
N ASP B 127 -4.95 9.93 8.01
CA ASP B 127 -4.68 11.31 8.46
C ASP B 127 -5.96 11.90 8.88
N THR B 128 -6.12 12.11 10.20
CA THR B 128 -7.45 12.59 10.67
C THR B 128 -7.67 14.11 10.45
N ARG B 129 -6.67 14.84 10.07
CA ARG B 129 -6.86 16.22 9.67
C ARG B 129 -7.41 16.26 8.22
N ARG B 130 -6.87 15.45 7.34
CA ARG B 130 -7.32 15.41 5.96
C ARG B 130 -8.63 14.63 5.86
N ASN B 131 -8.79 13.65 6.73
CA ASN B 131 -9.96 12.72 6.69
C ASN B 131 -10.66 12.71 8.02
N PRO B 132 -11.31 13.85 8.36
CA PRO B 132 -11.77 14.09 9.73
C PRO B 132 -13.11 13.44 10.11
N GLN B 133 -13.22 12.13 9.91
CA GLN B 133 -14.31 11.33 10.34
C GLN B 133 -14.11 10.84 11.72
N GLU B 134 -15.14 10.22 12.31
CA GLU B 134 -14.98 9.52 13.56
C GLU B 134 -13.95 8.43 13.34
N HIS B 135 -13.13 8.19 14.34
CA HIS B 135 -12.00 7.26 14.15
C HIS B 135 -12.44 5.89 13.73
N ALA B 136 -13.55 5.35 14.21
CA ALA B 136 -14.03 4.04 13.80
C ALA B 136 -14.36 4.02 12.29
N VAL B 137 -14.86 5.16 11.83
CA VAL B 137 -15.21 5.34 10.40
C VAL B 137 -13.93 5.37 9.59
N CYS B 138 -12.91 6.09 10.05
CA CYS B 138 -11.62 6.20 9.33
C CYS B 138 -11.10 4.78 9.17
N LEU B 139 -11.16 3.98 10.22
CA LEU B 139 -10.62 2.62 10.17
C LEU B 139 -11.41 1.73 9.22
N GLU B 140 -12.73 1.89 9.18
CA GLU B 140 -13.57 1.14 8.25
C GLU B 140 -13.27 1.54 6.81
N MET B 141 -13.05 2.82 6.58
CA MET B 141 -12.70 3.33 5.23
C MET B 141 -11.35 2.66 4.80
N LEU B 142 -10.40 2.64 5.69
CA LEU B 142 -9.10 2.02 5.40
C LEU B 142 -9.21 0.53 5.20
N THR B 143 -9.98 -0.17 6.02
CA THR B 143 -10.23 -1.61 5.86
C THR B 143 -10.80 -1.88 4.52
N ARG B 144 -11.81 -1.14 4.16
CA ARG B 144 -12.49 -1.42 2.89
C ARG B 144 -11.57 -1.10 1.69
N LEU B 145 -10.80 -0.03 1.73
CA LEU B 145 -9.96 0.26 0.61
C LEU B 145 -8.83 -0.78 0.49
N ALA B 146 -8.26 -1.22 1.61
CA ALA B 146 -7.16 -2.20 1.54
C ALA B 146 -7.67 -3.50 1.03
N ARG B 147 -8.89 -3.92 1.43
CA ARG B 147 -9.47 -5.19 0.93
C ARG B 147 -9.72 -5.02 -0.58
N ALA B 148 -10.29 -3.92 -0.97
CA ALA B 148 -10.66 -3.67 -2.38
C ALA B 148 -9.45 -3.55 -3.27
N ALA B 149 -8.38 -2.96 -2.77
CA ALA B 149 -7.16 -2.74 -3.56
C ALA B 149 -6.27 -3.99 -3.68
N GLY B 150 -6.35 -4.89 -2.70
CA GLY B 150 -5.40 -5.93 -2.59
C GLY B 150 -5.70 -7.20 -3.34
N SER B 151 -5.09 -8.27 -2.86
CA SER B 151 -5.09 -9.55 -3.58
C SER B 151 -6.46 -10.22 -3.63
N ALA B 152 -7.40 -9.83 -2.77
CA ALA B 152 -8.78 -10.29 -2.85
C ALA B 152 -9.69 -9.39 -3.70
N GLY B 153 -9.14 -8.30 -4.24
CA GLY B 153 -9.83 -7.31 -5.03
C GLY B 153 -9.09 -7.04 -6.34
N MET B 154 -8.68 -5.79 -6.47
CA MET B 154 -8.10 -5.26 -7.70
C MET B 154 -6.89 -6.07 -8.12
N VAL B 155 -5.95 -6.23 -7.21
CA VAL B 155 -4.70 -6.99 -7.59
C VAL B 155 -5.14 -8.42 -7.98
N GLY B 156 -6.07 -9.01 -7.24
CA GLY B 156 -6.61 -10.35 -7.55
C GLY B 156 -7.12 -10.39 -8.96
N GLY B 157 -7.88 -9.36 -9.34
CA GLY B 157 -8.41 -9.30 -10.71
C GLY B 157 -7.35 -9.26 -11.75
N GLN B 158 -6.26 -8.58 -11.49
CA GLN B 158 -5.13 -8.54 -12.41
C GLN B 158 -4.52 -9.90 -12.53
N ALA B 159 -4.45 -10.63 -11.40
CA ALA B 159 -3.92 -12.03 -11.42
C ALA B 159 -4.84 -12.99 -12.17
N ILE B 160 -6.15 -12.79 -12.04
CA ILE B 160 -7.12 -13.63 -12.74
C ILE B 160 -7.00 -13.35 -14.19
N ASP B 161 -6.81 -12.10 -14.59
CA ASP B 161 -6.61 -11.72 -15.99
C ASP B 161 -5.33 -12.43 -16.55
N LEU B 162 -4.22 -12.36 -15.83
CA LEU B 162 -3.01 -12.99 -16.37
C LEU B 162 -3.19 -14.54 -16.42
N GLY B 163 -3.97 -15.11 -15.53
CA GLY B 163 -4.17 -16.54 -15.43
C GLY B 163 -5.13 -17.07 -16.49
N SER B 164 -5.83 -16.17 -17.17
CA SER B 164 -6.87 -16.54 -18.14
CA SER B 164 -6.85 -16.53 -18.16
C SER B 164 -6.28 -16.49 -19.58
N VAL B 167 -7.06 -19.24 -22.77
CA VAL B 167 -8.26 -19.75 -22.10
C VAL B 167 -9.50 -18.98 -22.56
N ALA B 168 -10.42 -19.64 -23.27
CA ALA B 168 -11.72 -19.01 -23.61
C ALA B 168 -12.58 -18.91 -22.36
N LEU B 169 -12.80 -17.69 -21.91
CA LEU B 169 -13.62 -17.48 -20.73
C LEU B 169 -15.05 -17.48 -21.19
N ASP B 170 -15.95 -17.98 -20.37
CA ASP B 170 -17.35 -17.79 -20.65
C ASP B 170 -17.72 -16.46 -19.95
N GLN B 171 -18.99 -16.07 -20.07
CA GLN B 171 -19.43 -14.83 -19.43
C GLN B 171 -19.21 -14.86 -17.91
N ALA B 172 -19.50 -15.97 -17.24
CA ALA B 172 -19.41 -16.04 -15.79
C ALA B 172 -17.96 -15.73 -15.36
N ALA B 173 -17.01 -16.31 -16.08
CA ALA B 173 -15.60 -16.18 -15.72
C ALA B 173 -15.14 -14.75 -16.04
N LEU B 174 -15.62 -14.20 -17.14
CA LEU B 174 -15.32 -12.85 -17.51
C LEU B 174 -15.82 -11.88 -16.42
N GLU B 175 -17.00 -12.15 -15.90
CA GLU B 175 -17.59 -11.28 -14.88
C GLU B 175 -16.86 -11.43 -13.52
N VAL B 176 -16.43 -12.62 -13.21
CA VAL B 176 -15.58 -12.79 -11.96
C VAL B 176 -14.30 -11.91 -12.09
N MET B 177 -13.69 -11.93 -13.27
N MET B 177 -13.67 -11.92 -13.26
CA MET B 177 -12.48 -11.15 -13.51
CA MET B 177 -12.44 -11.14 -13.51
C MET B 177 -12.79 -9.66 -13.34
C MET B 177 -12.72 -9.63 -13.45
N HIS B 178 -13.81 -9.20 -14.06
CA HIS B 178 -14.17 -7.79 -14.01
C HIS B 178 -14.54 -7.37 -12.56
N ARG B 179 -15.30 -8.18 -11.85
CA ARG B 179 -15.74 -7.78 -10.50
CA ARG B 179 -15.74 -7.84 -10.48
C ARG B 179 -14.54 -7.55 -9.59
N HIS B 180 -13.46 -8.32 -9.77
CA HIS B 180 -12.25 -8.11 -8.98
C HIS B 180 -11.44 -6.95 -9.55
N LYS B 181 -11.20 -6.95 -10.88
CA LYS B 181 -10.22 -6.04 -11.50
C LYS B 181 -10.64 -4.61 -11.48
N THR B 182 -11.92 -4.37 -11.70
CA THR B 182 -12.43 -3.05 -11.59
C THR B 182 -13.61 -2.86 -10.62
N GLY B 183 -14.42 -3.88 -10.42
CA GLY B 183 -15.58 -3.73 -9.59
C GLY B 183 -15.24 -3.44 -8.12
N ALA B 184 -14.19 -4.06 -7.58
CA ALA B 184 -13.91 -3.90 -6.14
C ALA B 184 -13.67 -2.44 -5.85
N LEU B 185 -12.87 -1.79 -6.69
CA LEU B 185 -12.49 -0.41 -6.40
C LEU B 185 -13.64 0.57 -6.65
N ILE B 186 -14.46 0.29 -7.67
CA ILE B 186 -15.68 1.06 -7.88
C ILE B 186 -16.61 0.98 -6.68
N GLU B 187 -16.80 -0.23 -6.15
CA GLU B 187 -17.64 -0.51 -4.96
C GLU B 187 -17.02 0.19 -3.73
N ALA B 188 -15.70 0.17 -3.63
CA ALA B 188 -15.03 0.89 -2.52
C ALA B 188 -15.20 2.38 -2.59
N SER B 189 -15.20 2.94 -3.79
CA SER B 189 -15.33 4.37 -3.97
C SER B 189 -16.72 4.76 -3.41
N VAL B 190 -17.75 4.04 -3.76
CA VAL B 190 -19.09 4.35 -3.34
C VAL B 190 -19.16 4.15 -1.82
N ARG B 191 -18.59 3.06 -1.35
CA ARG B 191 -18.66 2.75 0.13
C ARG B 191 -17.94 3.82 0.89
N LEU B 192 -16.72 4.22 0.46
CA LEU B 192 -16.00 5.24 1.19
C LEU B 192 -16.70 6.60 1.19
N GLY B 193 -17.26 7.01 0.06
CA GLY B 193 -18.01 8.26 0.04
C GLY B 193 -19.23 8.18 0.96
N ALA B 194 -19.92 7.06 0.98
CA ALA B 194 -21.07 6.83 1.87
C ALA B 194 -20.67 6.88 3.38
N LEU B 195 -19.53 6.28 3.71
CA LEU B 195 -19.02 6.35 5.05
C LEU B 195 -18.63 7.80 5.43
N ALA B 196 -18.12 8.58 4.49
CA ALA B 196 -17.71 9.96 4.69
C ALA B 196 -18.90 10.87 5.03
N SER B 197 -20.10 10.44 4.62
CA SER B 197 -21.31 11.28 4.83
C SER B 197 -21.59 11.52 6.28
N GLY B 198 -21.18 10.59 7.14
CA GLY B 198 -21.51 10.63 8.56
C GLY B 198 -22.92 10.13 8.82
N ARG B 199 -23.61 9.66 7.78
CA ARG B 199 -24.98 9.21 7.91
C ARG B 199 -25.21 7.77 7.45
N ALA B 200 -24.16 7.00 7.23
CA ALA B 200 -24.32 5.68 6.70
C ALA B 200 -25.02 4.75 7.69
N GLU B 201 -25.81 3.85 7.15
CA GLU B 201 -26.46 2.79 7.89
C GLU B 201 -26.36 1.53 7.09
N PRO B 202 -26.52 0.40 7.74
CA PRO B 202 -26.44 -0.86 7.01
C PRO B 202 -27.33 -0.97 5.73
N ALA B 203 -28.60 -0.61 5.78
CA ALA B 203 -29.44 -0.73 4.60
C ALA B 203 -28.98 0.15 3.46
N SER B 204 -28.65 1.39 3.78
CA SER B 204 -28.30 2.35 2.73
C SER B 204 -26.94 1.90 2.12
N LEU B 205 -26.05 1.42 2.98
CA LEU B 205 -24.77 0.87 2.44
C LEU B 205 -24.99 -0.31 1.52
N ALA B 206 -25.89 -1.23 1.89
CA ALA B 206 -26.16 -2.36 1.05
C ALA B 206 -26.78 -1.95 -0.30
N ALA B 207 -27.72 -0.98 -0.26
CA ALA B 207 -28.33 -0.48 -1.49
C ALA B 207 -27.29 0.15 -2.40
N LEU B 208 -26.45 0.96 -1.80
CA LEU B 208 -25.38 1.63 -2.58
C LEU B 208 -24.38 0.60 -3.14
N GLU B 209 -24.14 -0.49 -2.41
CA GLU B 209 -23.32 -1.55 -2.96
C GLU B 209 -23.96 -2.19 -4.20
N ARG B 210 -25.28 -2.42 -4.16
CA ARG B 210 -25.98 -2.99 -5.32
C ARG B 210 -25.87 -2.05 -6.48
N TYR B 211 -26.05 -0.77 -6.21
CA TYR B 211 -25.82 0.24 -7.24
C TYR B 211 -24.43 0.09 -7.87
N ALA B 212 -23.42 0.05 -7.02
CA ALA B 212 -22.05 0.06 -7.46
C ALA B 212 -21.71 -1.18 -8.27
N GLU B 213 -22.23 -2.30 -7.82
CA GLU B 213 -22.07 -3.57 -8.58
C GLU B 213 -22.57 -3.40 -9.98
N ALA B 214 -23.78 -2.90 -10.11
CA ALA B 214 -24.40 -2.74 -11.41
C ALA B 214 -23.64 -1.78 -12.29
N ILE B 215 -23.30 -0.58 -11.78
CA ILE B 215 -22.60 0.38 -12.65
C ILE B 215 -21.17 -0.11 -13.00
N GLY B 216 -20.52 -0.79 -12.08
CA GLY B 216 -19.14 -1.25 -12.30
C GLY B 216 -19.14 -2.17 -13.54
N LEU B 217 -20.13 -3.01 -13.65
CA LEU B 217 -20.17 -3.92 -14.81
C LEU B 217 -20.68 -3.19 -16.02
N ALA B 218 -21.65 -2.27 -15.83
CA ALA B 218 -22.11 -1.50 -16.95
C ALA B 218 -20.99 -0.71 -17.66
N PHE B 219 -20.04 -0.19 -16.90
CA PHE B 219 -18.88 0.54 -17.46
C PHE B 219 -18.16 -0.41 -18.42
N GLN B 220 -17.96 -1.64 -18.00
CA GLN B 220 -17.17 -2.60 -18.82
C GLN B 220 -17.93 -2.98 -20.08
N VAL B 221 -19.23 -3.26 -19.92
CA VAL B 221 -20.07 -3.70 -21.06
C VAL B 221 -20.07 -2.58 -22.07
N GLN B 222 -20.33 -1.36 -21.61
CA GLN B 222 -20.42 -0.24 -22.51
C GLN B 222 -19.04 0.09 -23.16
N ASP B 223 -17.97 -0.04 -22.41
CA ASP B 223 -16.63 0.18 -23.01
C ASP B 223 -16.45 -0.76 -24.21
N ASP B 224 -16.85 -2.02 -24.02
CA ASP B 224 -16.73 -3.06 -25.07
C ASP B 224 -17.58 -2.67 -26.27
N ILE B 225 -18.80 -2.21 -25.99
CA ILE B 225 -19.71 -1.80 -27.06
C ILE B 225 -19.12 -0.64 -27.83
N LEU B 226 -18.61 0.35 -27.13
CA LEU B 226 -18.05 1.53 -27.78
C LEU B 226 -16.83 1.20 -28.62
N ASP B 227 -16.03 0.25 -28.17
CA ASP B 227 -14.88 -0.23 -28.92
C ASP B 227 -15.34 -0.72 -30.30
N VAL B 228 -16.45 -1.47 -30.34
CA VAL B 228 -17.05 -1.93 -31.62
C VAL B 228 -17.69 -0.75 -32.39
N GLU B 229 -18.47 0.09 -31.70
CA GLU B 229 -19.17 1.19 -32.39
C GLU B 229 -18.15 2.27 -32.76
N PRO B 248 -11.90 -11.62 -25.69
CA PRO B 248 -13.21 -12.12 -25.24
C PRO B 248 -14.04 -10.99 -24.57
N THR B 249 -14.93 -10.39 -25.36
CA THR B 249 -15.60 -9.14 -25.01
C THR B 249 -17.11 -9.43 -24.87
N TYR B 250 -17.84 -8.47 -24.33
CA TYR B 250 -19.29 -8.69 -24.22
C TYR B 250 -19.98 -8.85 -25.59
N PRO B 251 -19.65 -8.01 -26.57
CA PRO B 251 -20.18 -8.24 -27.95
C PRO B 251 -19.79 -9.61 -28.54
N ALA B 252 -18.58 -10.08 -28.28
CA ALA B 252 -18.14 -11.37 -28.84
C ALA B 252 -18.93 -12.53 -28.25
N LEU B 253 -19.25 -12.43 -26.96
CA LEU B 253 -19.94 -13.48 -26.27
C LEU B 253 -21.41 -13.50 -26.60
N LEU B 254 -22.00 -12.31 -26.62
CA LEU B 254 -23.43 -12.20 -26.65
C LEU B 254 -23.97 -11.82 -28.02
N GLY B 255 -23.10 -11.18 -28.82
CA GLY B 255 -23.51 -10.42 -29.98
C GLY B 255 -23.78 -8.99 -29.56
N LEU B 256 -23.62 -8.05 -30.49
CA LEU B 256 -23.70 -6.63 -30.23
C LEU B 256 -25.06 -6.22 -29.63
N GLU B 257 -26.15 -6.67 -30.25
CA GLU B 257 -27.45 -6.28 -29.76
C GLU B 257 -27.71 -6.76 -28.34
N ALA B 258 -27.41 -8.01 -28.03
CA ALA B 258 -27.64 -8.51 -26.72
C ALA B 258 -26.71 -7.83 -25.67
N ALA B 259 -25.50 -7.45 -26.06
CA ALA B 259 -24.57 -6.71 -25.15
C ALA B 259 -25.18 -5.36 -24.83
N LYS B 260 -25.75 -4.70 -25.84
CA LYS B 260 -26.46 -3.45 -25.61
C LYS B 260 -27.63 -3.61 -24.66
N GLY B 261 -28.41 -4.66 -24.84
CA GLY B 261 -29.51 -4.92 -23.94
C GLY B 261 -29.08 -5.12 -22.50
N TYR B 262 -27.93 -5.80 -22.36
CA TYR B 262 -27.39 -6.09 -21.03
C TYR B 262 -26.97 -4.83 -20.34
N ALA B 263 -26.34 -3.92 -21.08
CA ALA B 263 -25.93 -2.63 -20.51
C ALA B 263 -27.14 -1.88 -19.98
N LEU B 264 -28.20 -1.86 -20.77
CA LEU B 264 -29.49 -1.29 -20.31
C LEU B 264 -30.03 -1.98 -19.07
N GLU B 265 -29.97 -3.29 -18.99
CA GLU B 265 -30.46 -4.04 -17.83
C GLU B 265 -29.64 -3.63 -16.56
N LEU B 266 -28.33 -3.46 -16.75
CA LEU B 266 -27.47 -3.04 -15.61
C LEU B 266 -27.84 -1.61 -15.16
N ARG B 267 -28.10 -0.71 -16.09
CA ARG B 267 -28.56 0.63 -15.72
C ARG B 267 -29.85 0.53 -14.92
N ASP B 268 -30.74 -0.37 -15.37
CA ASP B 268 -31.99 -0.52 -14.66
C ASP B 268 -31.79 -1.03 -13.24
N LEU B 269 -30.86 -1.98 -13.03
CA LEU B 269 -30.58 -2.52 -11.72
C LEU B 269 -30.02 -1.41 -10.84
N ALA B 270 -29.18 -0.55 -11.43
CA ALA B 270 -28.57 0.57 -10.65
C ALA B 270 -29.67 1.55 -10.18
N LEU B 271 -30.57 1.94 -11.09
CA LEU B 271 -31.63 2.90 -10.74
C LEU B 271 -32.53 2.24 -9.66
N ALA B 272 -32.84 0.97 -9.81
CA ALA B 272 -33.64 0.27 -8.83
C ALA B 272 -33.03 0.22 -7.44
N ALA B 273 -31.68 0.12 -7.39
CA ALA B 273 -30.98 0.12 -6.09
C ALA B 273 -31.17 1.41 -5.33
N LEU B 274 -31.42 2.48 -6.05
CA LEU B 274 -31.60 3.83 -5.51
C LEU B 274 -33.06 4.09 -5.15
N ASP B 275 -33.91 3.07 -5.16
CA ASP B 275 -35.27 3.25 -4.70
C ASP B 275 -35.28 3.86 -3.31
N GLY B 276 -36.10 4.89 -3.12
CA GLY B 276 -36.21 5.47 -1.81
C GLY B 276 -35.21 6.53 -1.47
N PHE B 277 -34.14 6.65 -2.27
CA PHE B 277 -33.19 7.69 -1.95
C PHE B 277 -33.75 9.06 -2.32
N PRO B 278 -33.29 10.09 -1.61
CA PRO B 278 -33.82 11.42 -1.89
C PRO B 278 -33.26 12.05 -3.16
N PRO B 279 -33.65 13.30 -3.46
CA PRO B 279 -33.13 13.93 -4.64
C PRO B 279 -31.61 14.14 -4.68
N SER B 280 -30.97 14.16 -3.50
CA SER B 280 -29.52 14.31 -3.43
C SER B 280 -28.79 13.12 -4.03
N ALA B 281 -29.51 12.06 -4.31
CA ALA B 281 -28.94 10.89 -5.09
C ALA B 281 -29.01 11.04 -6.59
N ASP B 282 -29.53 12.17 -7.04
CA ASP B 282 -29.75 12.36 -8.47
C ASP B 282 -28.40 12.20 -9.24
N PRO B 283 -27.26 12.73 -8.70
CA PRO B 283 -26.04 12.49 -9.43
C PRO B 283 -25.73 11.03 -9.74
N LEU B 284 -25.98 10.15 -8.78
CA LEU B 284 -25.81 8.72 -9.01
C LEU B 284 -26.76 8.23 -10.11
N ARG B 285 -28.00 8.69 -10.06
CA ARG B 285 -28.99 8.27 -11.09
C ARG B 285 -28.53 8.72 -12.47
N GLN B 286 -28.09 9.95 -12.53
CA GLN B 286 -27.63 10.53 -13.78
C GLN B 286 -26.38 9.81 -14.33
N LEU B 287 -25.45 9.49 -13.48
CA LEU B 287 -24.28 8.71 -13.88
C LEU B 287 -24.68 7.38 -14.49
N ALA B 288 -25.58 6.65 -13.85
CA ALA B 288 -26.00 5.35 -14.35
C ALA B 288 -26.55 5.48 -15.74
N ARG B 289 -27.33 6.52 -15.98
CA ARG B 289 -27.84 6.80 -17.34
C ARG B 289 -26.74 7.22 -18.30
N TYR B 290 -25.83 8.07 -17.87
CA TYR B 290 -24.73 8.52 -18.71
C TYR B 290 -23.93 7.34 -19.25
N ILE B 291 -23.63 6.41 -18.37
CA ILE B 291 -22.69 5.32 -18.70
C ILE B 291 -23.19 4.61 -19.95
N VAL B 292 -24.50 4.40 -20.06
CA VAL B 292 -25.01 3.53 -21.12
C VAL B 292 -25.49 4.34 -22.33
N GLU B 293 -25.20 5.64 -22.28
CA GLU B 293 -25.00 6.47 -23.47
C GLU B 293 -23.61 7.09 -23.45
MG MG C . 18.67 -2.71 -4.35
MG MG D . 18.93 -5.77 -4.01
C1 GPP E . 17.19 -3.95 -0.52
O1 GPP E . 18.42 -3.20 -0.65
C2 GPP E . 16.03 -3.04 -0.74
C3 GPP E . 15.44 -2.35 0.26
C4 GPP E . 15.87 -2.64 1.63
C5 GPP E . 14.27 -1.48 0.03
C6 GPP E . 13.64 -1.79 -1.33
C7 GPP E . 12.60 -0.79 -1.56
C8 GPP E . 11.70 -0.77 -2.53
C9 GPP E . 11.47 -1.80 -3.64
C10 GPP E . 10.90 0.48 -2.35
PA GPP E . 19.65 -3.85 -1.47
O1A GPP E . 19.22 -4.04 -2.95
O2A GPP E . 20.81 -2.90 -1.25
O3A GPP E . 19.89 -5.18 -0.59
PB GPP E . 19.77 -6.72 -1.02
O1B GPP E . 19.18 -6.71 -2.43
O2B GPP E . 21.18 -7.28 -1.01
O3B GPP E . 18.85 -7.24 0.08
MG MG F . 26.51 -1.10 2.52
O 6H6 G . 21.47 -17.40 13.05
N1 6H6 G . 20.67 -13.97 15.27
O1 6H6 G . 21.39 -14.72 17.33
C2 6H6 G . 20.78 -13.90 16.60
O2 6H6 G . 20.12 -12.81 17.04
C3 6H6 G . 19.62 -12.18 15.96
C4 6H6 G . 18.88 -11.01 15.89
C5 6H6 G . 18.49 -10.62 14.61
C6 6H6 G . 18.83 -11.37 13.49
C7 6H6 G . 19.56 -12.54 13.56
C8 6H6 G . 19.96 -12.93 14.82
C9 6H6 G . 21.20 -15.05 14.45
C10 6H6 G . 20.15 -16.16 14.58
C11 6H6 G . 20.34 -17.27 13.55
OXT 6H6 G . 19.34 -18.01 13.33
O 6H6 H . -16.71 15.14 -21.79
N1 6H6 H . -18.61 13.01 -18.77
O1 6H6 H . -20.49 14.29 -19.04
C2 6H6 H . -19.81 13.48 -18.42
O2 6H6 H . -20.23 12.89 -17.25
C3 6H6 H . -19.23 12.04 -16.90
C4 6H6 H . -19.14 11.22 -15.80
C5 6H6 H . -18.03 10.41 -15.60
C6 6H6 H . -17.00 10.48 -16.57
C7 6H6 H . -17.08 11.33 -17.67
C8 6H6 H . -18.20 12.13 -17.84
C9 6H6 H . -17.87 13.42 -19.98
C10 6H6 H . -16.76 14.36 -19.54
C11 6H6 H . -16.04 14.95 -20.76
OXT 6H6 H . -14.84 15.22 -20.60
MG MG I . -1.57 2.58 -24.92
MG MG J . -2.96 -0.96 -21.43
MG MG K . -13.46 -4.72 -22.30
C1 GOL L . -19.77 17.90 -5.84
O1 GOL L . -21.08 18.52 -5.69
C2 GOL L . -18.68 18.85 -5.33
O2 GOL L . -18.87 20.16 -5.89
C3 GOL L . -17.30 18.29 -5.66
O3 GOL L . -16.38 18.93 -4.75
S DMS M . -6.31 -2.77 -13.80
O DMS M . -7.52 -2.15 -14.38
C1 DMS M . -6.55 -2.87 -12.12
C2 DMS M . -5.03 -1.62 -13.92
C1 GOL N . 1.00 13.36 2.85
O1 GOL N . 1.37 14.13 1.69
C2 GOL N . -0.50 13.55 3.08
O2 GOL N . -0.63 14.93 3.33
C3 GOL N . -1.07 12.77 4.25
O3 GOL N . -2.41 13.24 4.52
MG MG O . -4.24 -4.72 -18.55
#